data_5G69
#
_entry.id   5G69
#
_cell.length_a   80.750
_cell.length_b   94.810
_cell.length_c   62.990
_cell.angle_alpha   90.00
_cell.angle_beta   90.00
_cell.angle_gamma   90.00
#
_symmetry.space_group_name_H-M   'P 21 21 2'
#
loop_
_entity.id
_entity.type
_entity.pdbx_description
1 polymer 'NITRIC OXIDE SYNTHASE OXYGENASE'
2 non-polymer 'PROTOPORPHYRIN IX CONTAINING FE'
3 non-polymer 5,6,7,8-TETRAHYDROBIOPTERIN
4 non-polymer 'CHLORIDE ION'
5 non-polymer 7-{2-[(3-fluorobenzyl)amino]ethyl}quinolin-2-amine
6 non-polymer GLYCEROL
7 non-polymer N-PROPANOL
8 water water
#
_entity_poly.entity_id   1
_entity_poly.type   'polypeptide(L)'
_entity_poly.pdbx_seq_one_letter_code
;MEEKEILWNEAKAFIAACYQELGKAAEVKDRLADIKSEIDLTGSYVHTKEELEHGAKMAWRNSNRCIGRLFWNSLNVIDR
RDVRTKEEVRDALFHHIETATNNGKIRPTITIFPPEEKGEKQVEIWNHQLIRYAGYESDGERIGDPASCSLTAACEELGW
RGERTDFDLLPLIFRMKGDEQPVWYELPRSLVIEVPITHPDIEAFSDLELKWYGVPIISDMKLEVGGIHYNAAPFNGWYM
GTEIGARNLADEKRYDKLKKVASVIGIAADYNTDLWKDQALVELNKAVLHSYKKQGVSIVDHHTAASQFKRFEEQAEEAG
RKLTGDWTWLIPPISPAATHIFHRSYDNSIVKPNYFYQDKPYE
;
_entity_poly.pdbx_strand_id   A
#
# COMPACT_ATOMS: atom_id res chain seq x y z
N GLU A 2 10.78 -30.15 -5.70
CA GLU A 2 9.46 -29.61 -5.97
C GLU A 2 9.52 -28.11 -6.31
N GLU A 3 10.49 -27.43 -5.72
CA GLU A 3 10.71 -26.00 -5.94
C GLU A 3 10.68 -25.62 -7.41
N LYS A 4 11.49 -26.32 -8.19
CA LYS A 4 11.71 -26.01 -9.60
C LYS A 4 10.47 -26.22 -10.46
N GLU A 5 9.70 -27.25 -10.15
CA GLU A 5 8.49 -27.54 -10.90
C GLU A 5 7.41 -26.47 -10.67
N ILE A 6 7.32 -26.02 -9.42
CA ILE A 6 6.41 -24.93 -9.07
C ILE A 6 6.77 -23.70 -9.88
N LEU A 7 8.07 -23.42 -9.98
CA LEU A 7 8.58 -22.29 -10.75
C LEU A 7 8.22 -22.42 -12.23
N TRP A 8 8.48 -23.59 -12.80
CA TRP A 8 8.22 -23.82 -14.22
C TRP A 8 6.74 -23.76 -14.57
N ASN A 9 5.91 -24.35 -13.71
CA ASN A 9 4.46 -24.34 -13.93
C ASN A 9 3.87 -22.94 -13.83
N GLU A 10 4.32 -22.15 -12.86
CA GLU A 10 3.85 -20.78 -12.70
C GLU A 10 4.32 -19.92 -13.87
N ALA A 11 5.53 -20.20 -14.36
CA ALA A 11 6.12 -19.44 -15.46
C ALA A 11 5.32 -19.61 -16.76
N LYS A 12 4.96 -20.85 -17.07
CA LYS A 12 4.17 -21.14 -18.27
C LYS A 12 2.84 -20.39 -18.26
N ALA A 13 2.16 -20.40 -17.13
CA ALA A 13 0.86 -19.74 -17.01
C ALA A 13 0.99 -18.22 -17.16
N PHE A 14 2.02 -17.65 -16.55
CA PHE A 14 2.22 -16.21 -16.61
C PHE A 14 2.58 -15.73 -18.02
N ILE A 15 3.63 -16.32 -18.60
CA ILE A 15 4.10 -15.90 -19.92
C ILE A 15 3.00 -16.03 -20.97
N ALA A 16 2.26 -17.13 -20.94
CA ALA A 16 1.14 -17.31 -21.85
C ALA A 16 0.15 -16.15 -21.74
N ALA A 17 -0.41 -15.97 -20.55
CA ALA A 17 -1.38 -14.91 -20.32
C ALA A 17 -0.82 -13.51 -20.58
N CYS A 18 0.40 -13.26 -20.12
CA CYS A 18 1.04 -11.97 -20.32
C CYS A 18 1.23 -11.66 -21.80
N TYR A 19 1.75 -12.62 -22.57
CA TYR A 19 2.00 -12.40 -23.99
C TYR A 19 0.71 -12.34 -24.81
N GLN A 20 -0.32 -13.08 -24.38
CA GLN A 20 -1.64 -12.98 -25.00
C GLN A 20 -2.14 -11.55 -24.89
N GLU A 21 -2.10 -11.00 -23.68
CA GLU A 21 -2.57 -9.64 -23.42
C GLU A 21 -1.76 -8.59 -24.17
N LEU A 22 -0.48 -8.88 -24.39
CA LEU A 22 0.41 -7.94 -25.06
C LEU A 22 0.45 -8.14 -26.58
N GLY A 23 -0.38 -9.06 -27.07
CA GLY A 23 -0.41 -9.37 -28.49
C GLY A 23 0.88 -10.02 -28.97
N LYS A 24 1.58 -10.69 -28.07
CA LYS A 24 2.84 -11.36 -28.40
C LYS A 24 2.70 -12.87 -28.35
N ALA A 25 1.51 -13.37 -28.63
CA ALA A 25 1.21 -14.80 -28.52
C ALA A 25 2.14 -15.70 -29.33
N ALA A 26 2.61 -15.20 -30.47
CA ALA A 26 3.48 -15.99 -31.35
C ALA A 26 4.87 -16.20 -30.75
N GLU A 27 5.22 -15.41 -29.73
CA GLU A 27 6.54 -15.45 -29.12
C GLU A 27 6.60 -16.35 -27.89
N VAL A 28 5.46 -16.85 -27.46
CA VAL A 28 5.37 -17.66 -26.24
C VAL A 28 6.24 -18.91 -26.30
N LYS A 29 6.06 -19.71 -27.35
CA LYS A 29 6.78 -20.97 -27.51
C LYS A 29 8.30 -20.83 -27.36
N ASP A 30 8.89 -19.87 -28.05
CA ASP A 30 10.33 -19.65 -28.01
C ASP A 30 10.78 -19.11 -26.65
N ARG A 31 9.99 -18.21 -26.07
CA ARG A 31 10.31 -17.63 -24.77
C ARG A 31 10.27 -18.68 -23.67
N LEU A 32 9.30 -19.58 -23.73
CA LEU A 32 9.19 -20.66 -22.75
C LEU A 32 10.40 -21.60 -22.84
N ALA A 33 10.93 -21.77 -24.04
CA ALA A 33 12.12 -22.60 -24.24
C ALA A 33 13.31 -22.00 -23.53
N ASP A 34 13.56 -20.71 -23.77
CA ASP A 34 14.65 -19.99 -23.11
C ASP A 34 14.54 -20.09 -21.60
N ILE A 35 13.34 -19.85 -21.08
CA ILE A 35 13.07 -19.93 -19.66
C ILE A 35 13.36 -21.33 -19.11
N LYS A 36 12.88 -22.35 -19.81
CA LYS A 36 13.07 -23.74 -19.37
C LYS A 36 14.54 -24.11 -19.26
N SER A 37 15.34 -23.65 -20.21
CA SER A 37 16.79 -23.89 -20.17
C SER A 37 17.40 -23.12 -19.01
N GLU A 38 16.99 -21.87 -18.86
CA GLU A 38 17.52 -21.01 -17.80
C GLU A 38 17.24 -21.57 -16.42
N ILE A 39 16.05 -22.16 -16.25
CA ILE A 39 15.67 -22.78 -14.99
C ILE A 39 16.51 -24.02 -14.69
N ASP A 40 16.69 -24.88 -15.70
CA ASP A 40 17.51 -26.08 -15.54
C ASP A 40 18.95 -25.74 -15.19
N LEU A 41 19.48 -24.71 -15.85
CA LEU A 41 20.89 -24.36 -15.73
C LEU A 41 21.20 -23.50 -14.50
N THR A 42 20.31 -22.57 -14.18
CA THR A 42 20.57 -21.61 -13.10
C THR A 42 19.71 -21.83 -11.86
N GLY A 43 18.53 -22.44 -12.04
CA GLY A 43 17.63 -22.65 -10.92
C GLY A 43 16.52 -21.62 -10.88
N SER A 44 16.61 -20.62 -11.74
CA SER A 44 15.62 -19.55 -11.79
C SER A 44 15.61 -18.91 -13.18
N TYR A 45 14.79 -17.87 -13.36
CA TYR A 45 14.77 -17.12 -14.62
C TYR A 45 14.56 -15.62 -14.40
N VAL A 46 14.96 -14.83 -15.40
CA VAL A 46 14.95 -13.38 -15.29
C VAL A 46 13.90 -12.77 -16.22
N HIS A 47 12.98 -11.98 -15.65
CA HIS A 47 11.95 -11.34 -16.46
C HIS A 47 12.53 -10.26 -17.36
N THR A 48 11.91 -10.09 -18.52
CA THR A 48 12.23 -8.94 -19.38
C THR A 48 11.58 -7.73 -18.75
N LYS A 49 11.98 -6.53 -19.19
CA LYS A 49 11.37 -5.30 -18.70
C LYS A 49 9.86 -5.29 -18.94
N GLU A 50 9.46 -5.84 -20.07
CA GLU A 50 8.06 -5.87 -20.48
C GLU A 50 7.24 -6.80 -19.59
N GLU A 51 7.82 -7.96 -19.26
CA GLU A 51 7.14 -8.94 -18.42
C GLU A 51 6.99 -8.41 -17.01
N LEU A 52 8.02 -7.75 -16.50
CA LEU A 52 8.02 -7.21 -15.14
C LEU A 52 6.98 -6.10 -15.01
N GLU A 53 6.99 -5.17 -15.95
CA GLU A 53 6.03 -4.06 -15.94
C GLU A 53 4.60 -4.57 -15.98
N HIS A 54 4.30 -5.44 -16.95
CA HIS A 54 2.95 -5.95 -17.10
C HIS A 54 2.57 -6.87 -15.94
N GLY A 55 3.55 -7.60 -15.41
CA GLY A 55 3.33 -8.47 -14.27
C GLY A 55 2.87 -7.73 -13.03
N ALA A 56 3.51 -6.59 -12.75
CA ALA A 56 3.15 -5.78 -11.60
C ALA A 56 1.75 -5.17 -11.78
N LYS A 57 1.40 -4.86 -13.03
CA LYS A 57 0.09 -4.31 -13.35
C LYS A 57 -1.00 -5.37 -13.17
N MET A 58 -0.73 -6.58 -13.67
CA MET A 58 -1.65 -7.71 -13.49
C MET A 58 -1.86 -8.00 -12.01
N ALA A 59 -0.78 -7.89 -11.23
CA ALA A 59 -0.85 -8.15 -9.80
C ALA A 59 -1.79 -7.18 -9.10
N TRP A 60 -1.75 -5.91 -9.51
CA TRP A 60 -2.66 -4.90 -8.96
C TRP A 60 -4.09 -5.25 -9.39
N ARG A 61 -4.25 -5.62 -10.66
CA ARG A 61 -5.54 -5.97 -11.22
C ARG A 61 -6.18 -7.17 -10.50
N ASN A 62 -5.35 -8.02 -9.91
CA ASN A 62 -5.82 -9.23 -9.24
C ASN A 62 -5.99 -9.07 -7.73
N SER A 63 -5.69 -7.88 -7.22
CA SER A 63 -5.79 -7.61 -5.79
C SER A 63 -7.24 -7.52 -5.34
N ASN A 64 -7.80 -8.64 -4.88
CA ASN A 64 -9.20 -8.74 -4.48
C ASN A 64 -9.71 -7.66 -3.51
N ARG A 65 -8.84 -7.17 -2.64
CA ARG A 65 -9.26 -6.24 -1.60
C ARG A 65 -9.19 -4.77 -2.02
N CYS A 66 -8.76 -4.52 -3.25
CA CYS A 66 -8.51 -3.16 -3.70
C CYS A 66 -9.66 -2.57 -4.52
N ILE A 67 -10.18 -1.43 -4.05
CA ILE A 67 -11.28 -0.73 -4.72
C ILE A 67 -10.78 0.19 -5.84
N GLY A 68 -9.48 0.44 -5.87
CA GLY A 68 -8.92 1.40 -6.81
C GLY A 68 -8.40 0.81 -8.11
N ARG A 69 -8.78 -0.42 -8.40
CA ARG A 69 -8.18 -1.18 -9.50
C ARG A 69 -8.48 -0.72 -10.93
N LEU A 70 -9.38 0.25 -11.10
CA LEU A 70 -9.70 0.75 -12.45
C LEU A 70 -8.46 1.19 -13.20
N PHE A 71 -7.51 1.75 -12.46
CA PHE A 71 -6.34 2.38 -13.05
C PHE A 71 -5.11 1.47 -13.08
N TRP A 72 -5.35 0.16 -13.02
CA TRP A 72 -4.26 -0.83 -12.99
C TRP A 72 -3.26 -0.67 -14.13
N ASN A 73 -3.73 -0.29 -15.31
CA ASN A 73 -2.86 -0.24 -16.48
C ASN A 73 -1.98 1.01 -16.57
N SER A 74 -2.21 1.97 -15.67
CA SER A 74 -1.41 3.20 -15.69
C SER A 74 -0.33 3.22 -14.60
N LEU A 75 -0.15 2.09 -13.91
CA LEU A 75 0.89 1.97 -12.89
C LEU A 75 2.28 2.29 -13.45
N ASN A 76 3.02 3.15 -12.74
CA ASN A 76 4.39 3.50 -13.13
C ASN A 76 5.40 2.53 -12.51
N VAL A 77 6.02 1.70 -13.34
CA VAL A 77 6.90 0.64 -12.84
C VAL A 77 8.38 1.01 -12.92
N ILE A 78 9.05 1.09 -11.78
CA ILE A 78 10.48 1.38 -11.75
C ILE A 78 11.29 0.11 -11.49
N ASP A 79 12.14 -0.26 -12.44
CA ASP A 79 12.95 -1.47 -12.33
C ASP A 79 14.28 -1.18 -11.63
N ARG A 80 14.39 -1.59 -10.39
CA ARG A 80 15.65 -1.44 -9.66
C ARG A 80 16.28 -2.77 -9.29
N ARG A 81 16.21 -3.74 -10.20
CA ARG A 81 16.83 -5.05 -10.00
C ARG A 81 18.36 -4.95 -10.06
N ASP A 82 18.86 -3.76 -10.35
CA ASP A 82 20.29 -3.52 -10.48
C ASP A 82 20.97 -3.15 -9.16
N VAL A 83 20.19 -2.82 -8.13
CA VAL A 83 20.80 -2.35 -6.88
C VAL A 83 21.57 -3.44 -6.14
N ARG A 84 22.67 -3.05 -5.50
CA ARG A 84 23.54 -3.99 -4.80
C ARG A 84 23.99 -3.48 -3.43
N THR A 85 23.88 -2.17 -3.21
CA THR A 85 24.34 -1.56 -1.97
C THR A 85 23.19 -0.91 -1.21
N LYS A 86 23.38 -0.71 0.09
CA LYS A 86 22.33 -0.12 0.91
C LYS A 86 22.12 1.36 0.59
N GLU A 87 23.17 2.03 0.13
CA GLU A 87 23.03 3.41 -0.31
C GLU A 87 22.14 3.48 -1.56
N GLU A 88 22.33 2.53 -2.46
CA GLU A 88 21.48 2.44 -3.66
C GLU A 88 20.02 2.16 -3.31
N VAL A 89 19.80 1.28 -2.32
CA VAL A 89 18.44 1.00 -1.88
C VAL A 89 17.82 2.25 -1.24
N ARG A 90 18.59 2.91 -0.39
CA ARG A 90 18.12 4.13 0.28
C ARG A 90 17.72 5.19 -0.74
N ASP A 91 18.60 5.41 -1.72
CA ASP A 91 18.35 6.42 -2.74
C ASP A 91 17.17 6.04 -3.65
N ALA A 92 16.99 4.74 -3.88
CA ALA A 92 15.83 4.27 -4.65
C ALA A 92 14.53 4.53 -3.88
N LEU A 93 14.59 4.34 -2.56
CA LEU A 93 13.41 4.59 -1.74
C LEU A 93 13.11 6.09 -1.65
N PHE A 94 14.17 6.90 -1.51
CA PHE A 94 14.04 8.35 -1.51
C PHE A 94 13.41 8.83 -2.82
N HIS A 95 13.93 8.32 -3.94
CA HIS A 95 13.40 8.66 -5.25
C HIS A 95 11.93 8.28 -5.42
N HIS A 96 11.56 7.11 -4.90
CA HIS A 96 10.17 6.66 -5.02
C HIS A 96 9.22 7.66 -4.36
N ILE A 97 9.55 8.04 -3.13
CA ILE A 97 8.76 9.04 -2.41
C ILE A 97 8.62 10.32 -3.21
N GLU A 98 9.73 10.79 -3.80
CA GLU A 98 9.72 12.03 -4.53
C GLU A 98 8.84 11.96 -5.78
N THR A 99 9.06 10.93 -6.61
CA THR A 99 8.36 10.83 -7.89
C THR A 99 6.90 10.42 -7.73
N ALA A 100 6.59 9.65 -6.69
CA ALA A 100 5.22 9.27 -6.42
C ALA A 100 4.42 10.46 -5.91
N THR A 101 5.04 11.25 -5.03
CA THR A 101 4.39 12.42 -4.45
C THR A 101 4.07 13.45 -5.53
N ASN A 102 5.05 13.73 -6.37
CA ASN A 102 4.87 14.59 -7.53
C ASN A 102 4.24 15.94 -7.16
N ASN A 103 4.74 16.55 -6.08
CA ASN A 103 4.22 17.83 -5.59
C ASN A 103 2.73 17.80 -5.24
N GLY A 104 2.20 16.62 -4.93
CA GLY A 104 0.81 16.50 -4.53
C GLY A 104 -0.07 15.76 -5.53
N LYS A 105 0.30 15.82 -6.81
CA LYS A 105 -0.44 15.10 -7.84
C LYS A 105 0.10 13.68 -7.95
N ILE A 106 -0.33 12.84 -7.01
CA ILE A 106 0.26 11.51 -6.80
C ILE A 106 0.24 10.61 -8.04
N ARG A 107 1.40 10.00 -8.33
CA ARG A 107 1.51 9.02 -9.40
C ARG A 107 1.62 7.63 -8.79
N PRO A 108 0.66 6.74 -9.11
CA PRO A 108 0.75 5.36 -8.64
C PRO A 108 2.02 4.73 -9.20
N THR A 109 2.87 4.23 -8.32
CA THR A 109 4.23 3.83 -8.68
C THR A 109 4.62 2.58 -7.90
N ILE A 110 5.44 1.72 -8.53
CA ILE A 110 6.06 0.63 -7.79
C ILE A 110 7.55 0.57 -8.13
N THR A 111 8.39 0.40 -7.11
CA THR A 111 9.82 0.22 -7.32
C THR A 111 10.15 -1.24 -7.03
N ILE A 112 10.76 -1.92 -7.99
CA ILE A 112 11.01 -3.35 -7.87
C ILE A 112 12.50 -3.66 -7.66
N PHE A 113 12.81 -4.23 -6.49
CA PHE A 113 14.18 -4.58 -6.14
C PHE A 113 14.47 -6.04 -6.55
N PRO A 114 15.74 -6.49 -6.45
CA PRO A 114 16.03 -7.88 -6.85
C PRO A 114 15.18 -8.89 -6.06
N PRO A 115 14.78 -10.00 -6.72
CA PRO A 115 13.92 -11.00 -6.11
C PRO A 115 14.67 -12.00 -5.25
N GLU A 116 13.95 -12.80 -4.48
CA GLU A 116 14.55 -13.90 -3.73
C GLU A 116 15.22 -14.87 -4.69
N GLU A 117 16.29 -15.53 -4.24
CA GLU A 117 16.96 -16.51 -5.09
C GLU A 117 16.56 -17.94 -4.70
N LYS A 118 17.09 -18.41 -3.57
CA LYS A 118 16.69 -19.71 -3.05
C LYS A 118 15.75 -19.50 -1.87
N GLY A 119 14.86 -18.52 -2.00
CA GLY A 119 14.07 -18.07 -0.87
C GLY A 119 14.91 -17.13 -0.03
N GLU A 120 16.13 -16.87 -0.51
CA GLU A 120 17.03 -15.95 0.16
C GLU A 120 16.80 -14.54 -0.35
N LYS A 121 16.43 -13.64 0.56
CA LYS A 121 16.16 -12.25 0.21
C LYS A 121 17.44 -11.47 -0.06
N GLN A 122 17.41 -10.65 -1.10
CA GLN A 122 18.53 -9.78 -1.42
C GLN A 122 18.38 -8.50 -0.62
N VAL A 123 17.15 -8.02 -0.53
CA VAL A 123 16.81 -6.83 0.24
C VAL A 123 15.55 -7.11 1.04
N GLU A 124 15.56 -6.72 2.31
CA GLU A 124 14.44 -7.00 3.21
C GLU A 124 13.99 -5.71 3.90
N ILE A 125 12.86 -5.16 3.46
CA ILE A 125 12.36 -3.89 3.98
C ILE A 125 11.46 -4.10 5.19
N TRP A 126 11.79 -3.46 6.31
CA TRP A 126 11.05 -3.64 7.57
C TRP A 126 9.80 -2.76 7.69
N ASN A 127 9.84 -1.57 7.11
CA ASN A 127 8.69 -0.66 7.16
C ASN A 127 7.43 -1.27 6.57
N HIS A 128 6.28 -1.00 7.19
CA HIS A 128 5.01 -1.33 6.58
C HIS A 128 4.75 -0.36 5.44
N GLN A 129 4.97 0.93 5.72
CA GLN A 129 4.92 1.97 4.70
C GLN A 129 6.17 2.84 4.81
N LEU A 130 6.63 3.39 3.69
CA LEU A 130 7.83 4.22 3.70
C LEU A 130 7.65 5.44 4.60
N ILE A 131 6.45 6.01 4.56
CA ILE A 131 6.09 7.09 5.48
C ILE A 131 5.01 6.61 6.43
N ARG A 132 5.33 6.59 7.72
CA ARG A 132 4.44 6.07 8.74
C ARG A 132 4.85 6.69 10.08
N TYR A 133 3.90 6.87 10.98
CA TYR A 133 4.18 7.48 12.29
C TYR A 133 4.54 6.44 13.35
N ALA A 134 5.46 6.79 14.24
CA ALA A 134 5.87 5.91 15.32
C ALA A 134 4.78 5.77 16.37
N GLY A 135 4.88 4.74 17.20
CA GLY A 135 3.92 4.53 18.26
C GLY A 135 4.63 4.07 19.53
N TYR A 136 4.14 4.55 20.67
CA TYR A 136 4.77 4.25 21.95
C TYR A 136 3.72 3.84 22.99
N GLU A 137 4.11 2.94 23.88
CA GLU A 137 3.22 2.45 24.93
C GLU A 137 4.06 1.97 26.11
N SER A 138 3.88 2.62 27.26
CA SER A 138 4.61 2.26 28.47
C SER A 138 3.98 2.90 29.69
N ASP A 139 3.76 2.10 30.74
CA ASP A 139 3.14 2.57 31.98
C ASP A 139 1.85 3.34 31.73
N GLY A 140 0.99 2.77 30.89
CA GLY A 140 -0.30 3.38 30.58
C GLY A 140 -0.22 4.57 29.65
N GLU A 141 0.99 5.00 29.32
CA GLU A 141 1.19 6.15 28.46
C GLU A 141 1.19 5.78 26.98
N ARG A 142 0.16 6.21 26.26
CA ARG A 142 0.04 5.94 24.82
C ARG A 142 0.37 7.17 23.99
N ILE A 143 1.32 7.03 23.09
CA ILE A 143 1.72 8.12 22.20
C ILE A 143 1.84 7.62 20.76
N GLY A 144 1.31 8.39 19.81
CA GLY A 144 1.46 8.08 18.40
C GLY A 144 0.55 6.99 17.89
N ASP A 145 1.00 6.26 16.88
CA ASP A 145 0.20 5.24 16.22
C ASP A 145 0.47 3.86 16.81
N PRO A 146 -0.50 3.29 17.52
CA PRO A 146 -0.32 1.99 18.17
C PRO A 146 0.06 0.88 17.19
N ALA A 147 -0.36 1.01 15.93
CA ALA A 147 -0.05 -0.01 14.92
C ALA A 147 1.45 -0.08 14.60
N SER A 148 2.20 0.93 15.05
CA SER A 148 3.64 0.99 14.82
C SER A 148 4.47 0.68 16.06
N CYS A 149 3.83 0.24 17.14
CA CYS A 149 4.52 0.04 18.41
C CYS A 149 5.68 -0.96 18.35
N SER A 150 5.48 -2.08 17.66
CA SER A 150 6.52 -3.11 17.62
C SER A 150 7.70 -2.72 16.72
N LEU A 151 7.40 -2.11 15.58
CA LEU A 151 8.47 -1.65 14.68
C LEU A 151 9.23 -0.50 15.32
N THR A 152 8.52 0.37 16.03
CA THR A 152 9.14 1.48 16.74
C THR A 152 10.13 0.98 17.78
N ALA A 153 9.71 0.00 18.57
CA ALA A 153 10.57 -0.59 19.59
C ALA A 153 11.80 -1.24 18.97
N ALA A 154 11.61 -1.87 17.81
CA ALA A 154 12.73 -2.50 17.09
C ALA A 154 13.72 -1.46 16.59
N CYS A 155 13.21 -0.34 16.08
CA CYS A 155 14.07 0.74 15.63
C CYS A 155 14.87 1.33 16.80
N GLU A 156 14.23 1.47 17.95
CA GLU A 156 14.90 2.04 19.12
C GLU A 156 15.91 1.08 19.72
N GLU A 157 15.86 -0.19 19.30
CA GLU A 157 16.89 -1.15 19.66
C GLU A 157 18.15 -0.90 18.85
N LEU A 158 17.97 -0.27 17.69
CA LEU A 158 19.05 -0.12 16.71
C LEU A 158 19.75 1.24 16.77
N GLY A 159 19.48 2.01 17.82
CA GLY A 159 20.15 3.30 17.99
C GLY A 159 19.31 4.51 17.66
N TRP A 160 18.13 4.29 17.09
CA TRP A 160 17.24 5.40 16.77
C TRP A 160 16.45 5.82 18.01
N ARG A 161 16.03 7.07 18.05
CA ARG A 161 15.20 7.56 19.15
C ARG A 161 14.17 8.56 18.64
N GLY A 162 12.91 8.33 18.99
CA GLY A 162 11.84 9.22 18.57
C GLY A 162 11.65 10.36 19.54
N GLU A 163 11.11 11.48 19.05
CA GLU A 163 10.87 12.65 19.89
C GLU A 163 9.63 12.44 20.76
N ARG A 164 8.86 11.41 20.43
CA ARG A 164 7.65 11.07 21.17
C ARG A 164 6.57 12.13 21.08
N THR A 165 6.41 12.68 19.88
CA THR A 165 5.21 13.42 19.53
C THR A 165 4.24 12.36 19.03
N ASP A 166 3.00 12.76 18.72
CA ASP A 166 2.03 11.82 18.19
C ASP A 166 2.29 11.53 16.71
N PHE A 167 3.24 12.23 16.12
CA PHE A 167 3.49 12.12 14.69
C PHE A 167 4.97 12.07 14.34
N ASP A 168 5.74 11.27 15.09
CA ASP A 168 7.14 11.02 14.74
C ASP A 168 7.21 10.22 13.45
N LEU A 169 8.01 10.68 12.49
CA LEU A 169 8.25 9.91 11.27
C LEU A 169 9.24 8.79 11.58
N LEU A 170 8.88 7.55 11.29
CA LEU A 170 9.82 6.44 11.44
C LEU A 170 10.91 6.59 10.39
N PRO A 171 12.12 6.11 10.70
CA PRO A 171 13.17 6.13 9.68
C PRO A 171 12.92 4.98 8.71
N LEU A 172 13.51 5.02 7.52
CA LEU A 172 13.49 3.85 6.64
C LEU A 172 14.35 2.81 7.34
N ILE A 173 13.91 1.56 7.32
CA ILE A 173 14.72 0.51 7.92
C ILE A 173 14.64 -0.76 7.09
N PHE A 174 15.81 -1.24 6.66
CA PHE A 174 15.87 -2.42 5.80
C PHE A 174 17.17 -3.16 5.99
N ARG A 175 17.18 -4.44 5.63
CA ARG A 175 18.37 -5.27 5.77
C ARG A 175 18.84 -5.81 4.43
N MET A 176 20.16 -5.80 4.21
CA MET A 176 20.75 -6.34 3.00
C MET A 176 21.17 -7.79 3.23
N LYS A 177 21.14 -8.60 2.17
CA LYS A 177 21.62 -9.97 2.23
C LYS A 177 23.05 -10.00 2.78
N GLY A 178 23.26 -10.77 3.85
CA GLY A 178 24.59 -10.92 4.41
C GLY A 178 24.80 -10.15 5.70
N ASP A 179 24.05 -9.07 5.86
CA ASP A 179 24.10 -8.29 7.10
C ASP A 179 23.18 -8.93 8.14
N GLU A 180 23.59 -8.90 9.40
CA GLU A 180 22.77 -9.46 10.48
C GLU A 180 21.72 -8.48 10.96
N GLN A 181 22.04 -7.20 10.94
CA GLN A 181 21.09 -6.17 11.37
C GLN A 181 20.70 -5.23 10.24
N PRO A 182 19.45 -4.74 10.27
CA PRO A 182 19.06 -3.72 9.30
C PRO A 182 19.79 -2.40 9.59
N VAL A 183 19.83 -1.50 8.61
CA VAL A 183 20.32 -0.16 8.84
C VAL A 183 19.10 0.74 8.86
N TRP A 184 19.23 1.95 9.39
CA TRP A 184 18.11 2.89 9.34
C TRP A 184 18.56 4.27 8.87
N TYR A 185 17.68 4.94 8.13
CA TYR A 185 17.95 6.28 7.63
C TYR A 185 16.76 7.19 7.92
N GLU A 186 17.02 8.31 8.60
CA GLU A 186 15.98 9.30 8.86
C GLU A 186 15.48 9.88 7.53
N LEU A 187 14.17 10.06 7.42
CA LEU A 187 13.59 10.64 6.20
C LEU A 187 13.89 12.13 6.08
N PRO A 188 14.36 12.57 4.91
CA PRO A 188 14.50 14.01 4.69
C PRO A 188 13.11 14.64 4.69
N ARG A 189 12.87 15.60 5.58
CA ARG A 189 11.53 16.14 5.73
C ARG A 189 11.05 16.89 4.49
N SER A 190 11.99 17.32 3.64
CA SER A 190 11.64 18.00 2.40
C SER A 190 10.95 17.07 1.40
N LEU A 191 11.07 15.76 1.63
CA LEU A 191 10.44 14.76 0.77
C LEU A 191 9.02 14.40 1.22
N VAL A 192 8.72 14.69 2.48
CA VAL A 192 7.45 14.23 3.07
C VAL A 192 6.39 15.32 3.09
N ILE A 193 5.33 15.12 2.30
CA ILE A 193 4.18 16.02 2.34
C ILE A 193 3.22 15.58 3.44
N GLU A 194 2.82 16.52 4.29
CA GLU A 194 1.83 16.24 5.32
C GLU A 194 0.66 17.21 5.19
N VAL A 195 -0.52 16.76 5.60
CA VAL A 195 -1.73 17.57 5.48
C VAL A 195 -2.36 17.82 6.85
N PRO A 196 -2.43 19.09 7.27
CA PRO A 196 -3.13 19.40 8.52
C PRO A 196 -4.63 19.29 8.33
N ILE A 197 -5.33 18.67 9.28
CA ILE A 197 -6.76 18.44 9.13
C ILE A 197 -7.57 19.63 9.66
N THR A 198 -8.22 20.34 8.75
CA THR A 198 -9.17 21.39 9.12
C THR A 198 -10.55 21.04 8.56
N HIS A 199 -11.58 21.71 9.07
CA HIS A 199 -12.96 21.45 8.62
C HIS A 199 -13.47 22.66 7.83
N PRO A 200 -14.23 22.41 6.75
CA PRO A 200 -14.71 23.51 5.89
C PRO A 200 -15.58 24.55 6.60
N ASP A 201 -16.31 24.15 7.65
CA ASP A 201 -17.29 25.03 8.27
C ASP A 201 -17.01 25.29 9.75
N ILE A 202 -16.26 24.39 10.38
CA ILE A 202 -16.05 24.44 11.82
C ILE A 202 -14.62 24.82 12.16
N GLU A 203 -14.41 26.08 12.55
CA GLU A 203 -13.08 26.60 12.78
C GLU A 203 -12.35 25.91 13.93
N ALA A 204 -13.12 25.44 14.92
CA ALA A 204 -12.54 24.81 16.10
C ALA A 204 -11.86 23.46 15.80
N PHE A 205 -12.12 22.90 14.62
CA PHE A 205 -11.59 21.59 14.28
C PHE A 205 -10.07 21.55 14.32
N SER A 206 -9.44 22.70 14.08
CA SER A 206 -7.98 22.78 14.09
C SER A 206 -7.41 22.70 15.51
N ASP A 207 -8.28 22.83 16.52
CA ASP A 207 -7.85 22.68 17.92
C ASP A 207 -7.38 21.26 18.19
N LEU A 208 -7.84 20.32 17.36
CA LEU A 208 -7.46 18.92 17.51
C LEU A 208 -6.02 18.68 17.07
N GLU A 209 -5.48 19.60 16.26
CA GLU A 209 -4.11 19.51 15.76
C GLU A 209 -3.85 18.16 15.12
N LEU A 210 -4.80 17.70 14.31
CA LEU A 210 -4.65 16.45 13.58
C LEU A 210 -3.94 16.73 12.26
N LYS A 211 -3.17 15.75 11.80
CA LYS A 211 -2.61 15.76 10.46
C LYS A 211 -2.38 14.34 9.99
N TRP A 212 -2.15 14.17 8.69
CA TRP A 212 -1.77 12.86 8.16
C TRP A 212 -0.76 13.06 7.03
N TYR A 213 -0.08 11.99 6.63
CA TYR A 213 0.89 12.07 5.54
C TYR A 213 0.19 11.92 4.19
N GLY A 214 0.79 12.44 3.14
CA GLY A 214 0.12 12.52 1.84
C GLY A 214 0.02 11.21 1.07
N VAL A 215 1.07 10.42 1.10
CA VAL A 215 1.17 9.25 0.21
C VAL A 215 1.39 7.95 0.96
N PRO A 216 0.44 7.00 0.84
CA PRO A 216 0.61 5.67 1.43
C PRO A 216 1.47 4.79 0.53
N ILE A 217 2.69 4.47 0.98
CA ILE A 217 3.61 3.65 0.18
C ILE A 217 3.90 2.33 0.87
N ILE A 218 3.08 1.31 0.56
CA ILE A 218 3.17 0.01 1.24
C ILE A 218 4.43 -0.73 0.80
N SER A 219 5.24 -1.15 1.78
CA SER A 219 6.57 -1.65 1.48
C SER A 219 6.91 -2.99 2.11
N ASP A 220 5.90 -3.71 2.62
CA ASP A 220 6.15 -5.00 3.24
C ASP A 220 5.35 -6.15 2.63
N MET A 221 4.82 -5.94 1.42
CA MET A 221 4.12 -7.00 0.71
C MET A 221 5.01 -7.62 -0.37
N LYS A 222 4.82 -8.91 -0.63
CA LYS A 222 5.57 -9.60 -1.67
C LYS A 222 4.83 -9.59 -3.01
N LEU A 223 5.50 -9.10 -4.05
CA LEU A 223 4.96 -9.19 -5.41
C LEU A 223 5.38 -10.53 -6.01
N GLU A 224 4.41 -11.32 -6.42
CA GLU A 224 4.72 -12.59 -7.07
C GLU A 224 4.33 -12.56 -8.54
N VAL A 225 5.30 -12.78 -9.42
CA VAL A 225 5.08 -12.74 -10.85
C VAL A 225 5.71 -13.95 -11.52
N GLY A 226 4.87 -14.84 -12.04
CA GLY A 226 5.34 -16.01 -12.77
C GLY A 226 6.33 -16.88 -12.03
N GLY A 227 6.11 -17.05 -10.73
CA GLY A 227 6.98 -17.91 -9.94
C GLY A 227 8.14 -17.19 -9.27
N ILE A 228 8.36 -15.93 -9.66
CA ILE A 228 9.44 -15.14 -9.09
C ILE A 228 8.92 -14.34 -7.89
N HIS A 229 9.64 -14.38 -6.78
CA HIS A 229 9.21 -13.74 -5.55
C HIS A 229 9.91 -12.40 -5.30
N TYR A 230 9.24 -11.31 -5.64
CA TYR A 230 9.76 -9.98 -5.37
C TYR A 230 9.31 -9.51 -3.99
N ASN A 231 10.05 -9.92 -2.96
CA ASN A 231 9.69 -9.64 -1.58
C ASN A 231 9.84 -8.16 -1.25
N ALA A 232 10.68 -7.48 -2.03
CA ALA A 232 10.93 -6.06 -1.83
C ALA A 232 10.47 -5.29 -3.07
N ALA A 233 9.26 -4.74 -3.00
CA ALA A 233 8.68 -4.00 -4.11
C ALA A 233 7.63 -3.00 -3.63
N PRO A 234 8.07 -1.90 -3.02
CA PRO A 234 7.13 -0.91 -2.48
C PRO A 234 6.29 -0.24 -3.56
N PHE A 235 5.01 -0.04 -3.27
CA PHE A 235 4.08 0.56 -4.22
C PHE A 235 3.16 1.55 -3.52
N ASN A 236 2.54 2.45 -4.29
CA ASN A 236 1.61 3.44 -3.74
C ASN A 236 0.48 3.78 -4.70
N GLY A 237 -0.66 4.14 -4.13
CA GLY A 237 -1.71 4.82 -4.88
C GLY A 237 -1.90 6.16 -4.17
N TRP A 238 -3.09 6.71 -4.28
CA TRP A 238 -3.49 7.84 -3.43
C TRP A 238 -4.52 7.33 -2.44
N TYR A 239 -4.75 8.08 -1.37
CA TYR A 239 -5.67 7.64 -0.32
C TYR A 239 -7.13 7.70 -0.73
N MET A 240 -7.93 6.78 -0.22
CA MET A 240 -9.37 6.98 -0.14
C MET A 240 -9.61 7.58 1.23
N GLY A 241 -10.43 8.62 1.32
CA GLY A 241 -10.57 9.40 2.54
C GLY A 241 -10.90 8.59 3.80
N THR A 242 -11.75 7.58 3.64
CA THR A 242 -12.17 6.74 4.77
C THR A 242 -11.02 6.01 5.46
N GLU A 243 -9.94 5.76 4.72
CA GLU A 243 -8.80 5.07 5.31
C GLU A 243 -8.21 5.90 6.45
N ILE A 244 -8.26 7.22 6.28
CA ILE A 244 -7.72 8.14 7.26
C ILE A 244 -8.79 8.53 8.28
N GLY A 245 -9.94 8.97 7.80
CA GLY A 245 -10.99 9.50 8.66
C GLY A 245 -11.81 8.47 9.41
N ALA A 246 -11.97 7.29 8.85
CA ALA A 246 -12.83 6.27 9.46
C ALA A 246 -12.05 5.19 10.17
N ARG A 247 -10.76 5.09 9.91
CA ARG A 247 -9.96 4.02 10.49
C ARG A 247 -8.71 4.53 11.21
N ASN A 248 -7.77 5.13 10.48
CA ASN A 248 -6.50 5.59 11.06
C ASN A 248 -6.68 6.55 12.22
N LEU A 249 -7.59 7.51 12.07
CA LEU A 249 -7.83 8.49 13.11
C LEU A 249 -8.98 8.11 14.04
N ALA A 250 -9.78 7.14 13.63
CA ALA A 250 -11.04 6.82 14.32
C ALA A 250 -11.02 5.54 15.17
N ASP A 251 -10.32 4.50 14.71
CA ASP A 251 -10.28 3.23 15.45
C ASP A 251 -9.82 3.42 16.90
N GLU A 252 -10.44 2.69 17.82
CA GLU A 252 -10.03 2.74 19.22
C GLU A 252 -8.60 2.23 19.39
N LYS A 253 -8.18 1.31 18.53
CA LYS A 253 -6.82 0.77 18.60
C LYS A 253 -5.85 1.56 17.71
N ARG A 254 -6.30 2.69 17.18
CA ARG A 254 -5.41 3.62 16.48
C ARG A 254 -5.40 4.96 17.21
N TYR A 255 -5.72 6.05 16.50
CA TYR A 255 -5.66 7.37 17.12
C TYR A 255 -6.87 7.71 18.01
N ASP A 256 -7.99 7.02 17.80
CA ASP A 256 -9.12 7.06 18.74
C ASP A 256 -9.64 8.48 19.00
N LYS A 257 -9.94 9.21 17.93
CA LYS A 257 -10.24 10.65 18.04
C LYS A 257 -11.73 11.02 18.07
N LEU A 258 -12.63 10.03 18.04
CA LEU A 258 -14.05 10.35 17.87
C LEU A 258 -14.67 11.17 19.00
N LYS A 259 -14.26 10.92 20.24
CA LYS A 259 -14.79 11.68 21.37
C LYS A 259 -14.33 13.13 21.31
N LYS A 260 -13.09 13.34 20.91
CA LYS A 260 -12.55 14.70 20.76
C LYS A 260 -13.18 15.42 19.58
N VAL A 261 -13.48 14.67 18.52
CA VAL A 261 -14.18 15.24 17.37
C VAL A 261 -15.57 15.71 17.78
N ALA A 262 -16.29 14.86 18.51
CA ALA A 262 -17.64 15.20 18.96
C ALA A 262 -17.64 16.50 19.76
N SER A 263 -16.62 16.66 20.61
CA SER A 263 -16.51 17.85 21.43
C SER A 263 -16.32 19.13 20.61
N VAL A 264 -15.41 19.10 19.64
CA VAL A 264 -15.14 20.30 18.84
C VAL A 264 -16.25 20.64 17.86
N ILE A 265 -17.05 19.65 17.46
CA ILE A 265 -18.18 19.93 16.59
C ILE A 265 -19.44 20.24 17.40
N GLY A 266 -19.28 20.24 18.72
CA GLY A 266 -20.32 20.71 19.62
C GLY A 266 -21.50 19.78 19.86
N ILE A 267 -21.28 18.47 19.81
CA ILE A 267 -22.35 17.53 20.16
C ILE A 267 -21.97 16.69 21.38
N ALA A 268 -22.98 16.24 22.11
CA ALA A 268 -22.75 15.38 23.28
C ALA A 268 -22.30 13.99 22.83
N ALA A 269 -21.45 13.37 23.64
CA ALA A 269 -20.99 12.01 23.37
C ALA A 269 -21.43 11.09 24.51
N ASP A 270 -22.70 11.21 24.89
CA ASP A 270 -23.23 10.53 26.07
C ASP A 270 -24.15 9.35 25.75
N TYR A 271 -24.92 9.45 24.66
CA TYR A 271 -25.96 8.45 24.39
C TYR A 271 -25.80 7.79 23.02
N ASN A 272 -25.84 6.46 22.99
CA ASN A 272 -25.75 5.72 21.73
C ASN A 272 -26.83 6.13 20.74
N THR A 273 -28.03 6.40 21.26
CA THR A 273 -29.17 6.76 20.40
C THR A 273 -29.03 8.13 19.72
N ASP A 274 -28.08 8.94 20.17
CA ASP A 274 -27.80 10.22 19.51
C ASP A 274 -26.96 10.02 18.26
N LEU A 275 -26.42 8.82 18.10
CA LEU A 275 -25.55 8.47 16.98
C LEU A 275 -24.39 9.44 16.84
N TRP A 276 -23.78 9.81 17.97
CA TRP A 276 -22.71 10.80 17.97
C TRP A 276 -21.44 10.30 17.30
N LYS A 277 -21.17 9.00 17.39
CA LYS A 277 -20.00 8.43 16.71
C LYS A 277 -20.17 8.53 15.20
N ASP A 278 -21.39 8.27 14.74
CA ASP A 278 -21.69 8.32 13.31
C ASP A 278 -21.54 9.73 12.78
N GLN A 279 -22.08 10.69 13.51
CA GLN A 279 -22.00 12.10 13.14
C GLN A 279 -20.56 12.58 13.17
N ALA A 280 -19.82 12.19 14.21
CA ALA A 280 -18.41 12.55 14.32
C ALA A 280 -17.59 11.95 13.18
N LEU A 281 -17.91 10.71 12.81
CA LEU A 281 -17.24 10.04 11.69
C LEU A 281 -17.44 10.80 10.39
N VAL A 282 -18.66 11.28 10.17
CA VAL A 282 -18.96 11.99 8.94
C VAL A 282 -18.21 13.32 8.85
N GLU A 283 -18.21 14.09 9.95
CA GLU A 283 -17.53 15.38 9.95
C GLU A 283 -16.02 15.22 9.84
N LEU A 284 -15.46 14.22 10.50
CA LEU A 284 -14.03 13.96 10.42
C LEU A 284 -13.63 13.56 9.00
N ASN A 285 -14.47 12.74 8.37
CA ASN A 285 -14.22 12.33 6.99
C ASN A 285 -14.40 13.46 5.98
N LYS A 286 -15.31 14.38 6.27
CA LYS A 286 -15.47 15.57 5.45
C LYS A 286 -14.24 16.46 5.58
N ALA A 287 -13.71 16.54 6.79
CA ALA A 287 -12.54 17.38 7.07
C ALA A 287 -11.32 16.85 6.32
N VAL A 288 -11.15 15.54 6.34
CA VAL A 288 -10.03 14.90 5.66
C VAL A 288 -10.02 15.17 4.14
N LEU A 289 -11.17 15.01 3.49
CA LEU A 289 -11.27 15.28 2.06
C LEU A 289 -11.04 16.75 1.76
N HIS A 290 -11.65 17.61 2.55
CA HIS A 290 -11.49 19.06 2.40
C HIS A 290 -10.03 19.48 2.51
N SER A 291 -9.35 18.96 3.52
CA SER A 291 -7.96 19.34 3.80
C SER A 291 -6.99 18.94 2.69
N TYR A 292 -7.11 17.70 2.22
CA TYR A 292 -6.26 17.21 1.13
C TYR A 292 -6.50 18.00 -0.15
N LYS A 293 -7.76 18.26 -0.45
CA LYS A 293 -8.14 19.04 -1.62
C LYS A 293 -7.54 20.44 -1.55
N LYS A 294 -7.63 21.03 -0.36
CA LYS A 294 -7.14 22.40 -0.13
C LYS A 294 -5.63 22.50 -0.32
N GLN A 295 -4.91 21.45 0.08
CA GLN A 295 -3.45 21.42 -0.01
C GLN A 295 -2.99 20.99 -1.41
N GLY A 296 -3.90 20.51 -2.24
CA GLY A 296 -3.55 20.07 -3.57
C GLY A 296 -2.88 18.71 -3.57
N VAL A 297 -3.30 17.86 -2.64
CA VAL A 297 -2.81 16.49 -2.56
C VAL A 297 -3.93 15.54 -2.98
N SER A 298 -3.63 14.65 -3.93
CA SER A 298 -4.63 13.73 -4.47
C SER A 298 -5.30 12.89 -3.39
N ILE A 299 -6.62 12.71 -3.54
CA ILE A 299 -7.39 11.86 -2.65
C ILE A 299 -8.70 11.55 -3.36
N VAL A 300 -9.37 10.48 -2.96
CA VAL A 300 -10.67 10.13 -3.54
C VAL A 300 -11.65 9.81 -2.42
N ASP A 301 -12.91 10.21 -2.60
CA ASP A 301 -13.94 9.84 -1.63
C ASP A 301 -14.48 8.45 -1.96
N HIS A 302 -15.14 7.82 -0.98
CA HIS A 302 -15.59 6.44 -1.16
C HIS A 302 -16.70 6.27 -2.21
N HIS A 303 -17.46 7.33 -2.46
CA HIS A 303 -18.54 7.24 -3.45
C HIS A 303 -17.96 7.24 -4.87
N THR A 304 -17.04 8.16 -5.12
CA THR A 304 -16.36 8.25 -6.41
C THR A 304 -15.56 6.97 -6.67
N ALA A 305 -14.86 6.51 -5.64
CA ALA A 305 -14.04 5.30 -5.74
C ALA A 305 -14.88 4.08 -6.11
N ALA A 306 -16.06 3.95 -5.49
CA ALA A 306 -16.97 2.85 -5.81
C ALA A 306 -17.49 2.96 -7.24
N SER A 307 -17.75 4.18 -7.70
CA SER A 307 -18.21 4.40 -9.08
C SER A 307 -17.12 3.99 -10.06
N GLN A 308 -15.87 4.29 -9.71
CA GLN A 308 -14.74 3.88 -10.52
C GLN A 308 -14.62 2.36 -10.53
N PHE A 309 -14.81 1.74 -9.37
CA PHE A 309 -14.73 0.29 -9.27
C PHE A 309 -15.81 -0.40 -10.10
N LYS A 310 -17.00 0.21 -10.18
CA LYS A 310 -18.07 -0.29 -11.04
C LYS A 310 -17.60 -0.31 -12.49
N ARG A 311 -16.86 0.72 -12.89
CA ARG A 311 -16.33 0.77 -14.26
C ARG A 311 -15.27 -0.30 -14.45
N PHE A 312 -14.50 -0.59 -13.40
CA PHE A 312 -13.53 -1.69 -13.44
C PHE A 312 -14.26 -3.02 -13.69
N GLU A 313 -15.36 -3.24 -12.97
CA GLU A 313 -16.17 -4.44 -13.17
C GLU A 313 -16.66 -4.54 -14.61
N GLU A 314 -17.16 -3.43 -15.14
CA GLU A 314 -17.66 -3.39 -16.51
C GLU A 314 -16.54 -3.64 -17.52
N GLN A 315 -15.37 -3.06 -17.27
CA GLN A 315 -14.22 -3.25 -18.14
C GLN A 315 -13.76 -4.71 -18.17
N ALA A 316 -13.81 -5.36 -17.01
CA ALA A 316 -13.42 -6.77 -16.91
C ALA A 316 -14.32 -7.66 -17.76
N GLU A 317 -15.63 -7.50 -17.60
CA GLU A 317 -16.60 -8.29 -18.35
C GLU A 317 -16.43 -8.08 -19.86
N GLU A 318 -16.15 -6.83 -20.25
CA GLU A 318 -15.98 -6.51 -21.65
C GLU A 318 -14.70 -7.14 -22.21
N ALA A 319 -13.66 -7.19 -21.40
CA ALA A 319 -12.39 -7.78 -21.82
C ALA A 319 -12.40 -9.31 -21.71
N GLY A 320 -13.47 -9.85 -21.16
CA GLY A 320 -13.63 -11.29 -21.04
C GLY A 320 -12.83 -11.91 -19.90
N ARG A 321 -12.45 -11.08 -18.94
CA ARG A 321 -11.72 -11.56 -17.76
C ARG A 321 -12.66 -11.79 -16.59
N LYS A 322 -12.44 -12.87 -15.85
CA LYS A 322 -13.21 -13.12 -14.64
C LYS A 322 -12.85 -12.07 -13.59
N LEU A 323 -13.86 -11.63 -12.85
CA LEU A 323 -13.65 -10.64 -11.79
C LEU A 323 -13.53 -11.33 -10.44
N THR A 324 -12.50 -10.97 -9.67
CA THR A 324 -12.39 -11.47 -8.31
C THR A 324 -12.34 -10.30 -7.33
N GLY A 325 -12.83 -10.53 -6.11
CA GLY A 325 -12.83 -9.48 -5.10
C GLY A 325 -13.20 -9.98 -3.71
N ASP A 326 -12.80 -9.22 -2.70
CA ASP A 326 -13.13 -9.52 -1.32
C ASP A 326 -14.17 -8.51 -0.82
N TRP A 327 -15.42 -8.94 -0.81
CA TRP A 327 -16.54 -8.07 -0.41
C TRP A 327 -16.30 -7.38 0.92
N THR A 328 -15.73 -8.12 1.88
CA THR A 328 -15.53 -7.59 3.23
C THR A 328 -14.53 -6.45 3.29
N TRP A 329 -13.63 -6.38 2.31
CA TRP A 329 -12.66 -5.30 2.23
C TRP A 329 -13.04 -4.20 1.24
N LEU A 330 -13.82 -4.56 0.23
CA LEU A 330 -14.22 -3.61 -0.80
C LEU A 330 -15.23 -2.57 -0.31
N ILE A 331 -16.17 -3.00 0.53
CA ILE A 331 -17.13 -2.05 1.10
C ILE A 331 -16.42 -1.03 1.98
N PRO A 332 -16.75 0.25 1.82
CA PRO A 332 -16.15 1.30 2.66
C PRO A 332 -16.72 1.24 4.07
N PRO A 333 -15.95 1.68 5.08
CA PRO A 333 -16.40 1.61 6.48
C PRO A 333 -17.38 2.72 6.83
N ILE A 334 -17.68 3.58 5.85
CA ILE A 334 -18.66 4.64 6.01
C ILE A 334 -19.74 4.48 4.92
N SER A 335 -21.01 4.50 5.33
CA SER A 335 -22.15 4.33 4.42
C SER A 335 -21.99 3.25 3.34
N PRO A 336 -21.59 2.02 3.72
CA PRO A 336 -21.35 1.00 2.69
C PRO A 336 -22.57 0.70 1.83
N ALA A 337 -23.77 0.73 2.42
CA ALA A 337 -24.98 0.41 1.67
C ALA A 337 -25.35 1.47 0.63
N ALA A 338 -24.67 2.61 0.67
CA ALA A 338 -24.87 3.65 -0.34
C ALA A 338 -24.03 3.42 -1.59
N THR A 339 -23.21 2.37 -1.58
CA THR A 339 -22.43 2.00 -2.77
C THR A 339 -23.01 0.72 -3.39
N HIS A 340 -22.74 0.52 -4.68
CA HIS A 340 -23.26 -0.67 -5.38
C HIS A 340 -22.59 -1.95 -4.89
N ILE A 341 -21.35 -1.81 -4.43
CA ILE A 341 -20.55 -2.93 -3.93
C ILE A 341 -21.31 -3.76 -2.88
N PHE A 342 -21.90 -3.05 -1.92
CA PHE A 342 -22.67 -3.67 -0.84
C PHE A 342 -23.77 -4.60 -1.36
N HIS A 343 -24.33 -4.28 -2.53
CA HIS A 343 -25.51 -4.97 -3.01
C HIS A 343 -25.25 -6.08 -4.03
N ARG A 344 -23.99 -6.45 -4.22
CA ARG A 344 -23.67 -7.62 -5.04
C ARG A 344 -22.63 -8.48 -4.34
N SER A 345 -22.31 -9.63 -4.93
CA SER A 345 -21.31 -10.52 -4.36
C SER A 345 -20.08 -10.61 -5.28
N TYR A 346 -18.95 -11.05 -4.71
CA TYR A 346 -17.71 -11.19 -5.46
C TYR A 346 -17.05 -12.54 -5.19
N ASP A 347 -16.42 -13.12 -6.21
CA ASP A 347 -15.67 -14.36 -6.06
C ASP A 347 -14.28 -14.05 -5.49
N ASN A 348 -13.95 -14.62 -4.33
CA ASN A 348 -12.70 -14.29 -3.65
C ASN A 348 -11.52 -15.22 -3.98
N SER A 349 -11.52 -15.81 -5.17
CA SER A 349 -10.44 -16.71 -5.57
C SER A 349 -9.14 -15.93 -5.77
N ILE A 350 -8.01 -16.55 -5.43
CA ILE A 350 -6.71 -15.91 -5.60
C ILE A 350 -6.17 -16.18 -7.00
N VAL A 351 -5.96 -15.11 -7.77
CA VAL A 351 -5.34 -15.22 -9.09
C VAL A 351 -3.96 -14.56 -9.08
N LYS A 352 -2.99 -15.19 -9.73
CA LYS A 352 -1.63 -14.64 -9.84
C LYS A 352 -1.37 -14.13 -11.25
N PRO A 353 -0.49 -13.12 -11.40
CA PRO A 353 0.31 -12.40 -10.40
C PRO A 353 -0.51 -11.67 -9.33
N ASN A 354 0.11 -11.45 -8.17
CA ASN A 354 -0.60 -10.83 -7.05
C ASN A 354 0.36 -10.33 -5.96
N TYR A 355 -0.18 -9.55 -5.03
CA TYR A 355 0.60 -9.08 -3.88
C TYR A 355 0.18 -9.86 -2.62
N PHE A 356 1.16 -10.29 -1.84
CA PHE A 356 0.88 -11.14 -0.67
C PHE A 356 1.52 -10.62 0.61
N TYR A 357 0.89 -10.97 1.74
CA TYR A 357 1.49 -10.76 3.05
C TYR A 357 2.72 -11.64 3.21
N GLN A 358 3.67 -11.20 4.03
CA GLN A 358 4.80 -12.02 4.42
C GLN A 358 5.14 -11.74 5.88
N ASP A 359 5.81 -12.69 6.54
CA ASP A 359 6.12 -12.57 7.96
C ASP A 359 6.96 -11.33 8.28
N LYS A 360 6.68 -10.72 9.42
CA LYS A 360 7.46 -9.58 9.89
C LYS A 360 8.78 -10.07 10.50
N PRO A 361 9.90 -9.48 10.07
CA PRO A 361 11.23 -9.83 10.61
C PRO A 361 11.44 -9.35 12.04
N TYR A 362 10.70 -8.33 12.46
CA TYR A 362 10.58 -8.00 13.87
C TYR A 362 9.40 -8.82 14.40
N GLU A 363 9.00 -8.62 15.65
CA GLU A 363 7.97 -9.46 16.29
C GLU A 363 8.39 -10.92 16.39
#